data_4HZV
#
_entry.id   4HZV
#
_cell.length_a   106.144
_cell.length_b   106.144
_cell.length_c   64.003
_cell.angle_alpha   90.00
_cell.angle_beta   90.00
_cell.angle_gamma   90.00
#
_symmetry.space_group_name_H-M   'I 4'
#
loop_
_entity.id
_entity.type
_entity.pdbx_description
1 polymer Neuraminidase
2 branched 2-acetamido-2-deoxy-beta-D-glucopyranose-(1-4)-[alpha-L-fucopyranose-(1-6)]2-acetamido-2-deoxy-beta-D-glucopyranose
3 non-polymer 'CALCIUM ION'
4 non-polymer GLYCEROL
5 water water
#
_entity_poly.entity_id   1
_entity_poly.type   'polypeptide(L)'
_entity_poly.pdbx_seq_one_letter_code
;FRPFKSPLPLCPFRGFFPFHKDNAIRLGENKDVIVTREPYVSCDNDNCWSFALAQGALLGTKHSNGTIKDRTPYRSLIRF
PIGTAPVLGNYKEICIAWSSSSCFDGKEWMHVCMTGNDNDASAQIIYGGRMTDSIKSWRKDILRTQESECQCIDGTCVVA
VTDGPAANSADYRVYWIREGKIIKYENVPKTKIQHLEECSCYVDIDVYCICRDNWKGSNRPWMRINNETILETGYVCSKF
HSDTPRPADPSTMSCDSPSNVNGGPGVKGFGFKAGDDVWLGRTVSTSGRSGFEIIKVTEGWINSPNHVKSITQTLVSNND
WSGYSGSFIVKAKDCFQPCFYVELIRGRPNKNDDVSWTSNSIVTFCGLDNEPGSGNWPDGSNIGFMPK
;
_entity_poly.pdbx_strand_id   A
#
loop_
_chem_comp.id
_chem_comp.type
_chem_comp.name
_chem_comp.formula
CA non-polymer 'CALCIUM ION' 'Ca 2'
FUC L-saccharide, alpha linking alpha-L-fucopyranose 'C6 H12 O5'
GOL non-polymer GLYCEROL 'C3 H8 O3'
NAG D-saccharide, beta linking 2-acetamido-2-deoxy-beta-D-glucopyranose 'C8 H15 N O6'
#
# COMPACT_ATOMS: atom_id res chain seq x y z
N PHE A 1 24.63 8.66 17.00
CA PHE A 1 23.45 9.51 16.96
C PHE A 1 22.87 9.64 15.55
N ARG A 2 21.55 9.65 15.47
CA ARG A 2 20.84 9.83 14.22
C ARG A 2 19.75 10.88 14.40
N PRO A 3 19.64 11.82 13.44
CA PRO A 3 18.57 12.81 13.51
C PRO A 3 17.26 12.25 12.99
N PHE A 4 16.15 12.86 13.38
CA PHE A 4 14.86 12.50 12.80
C PHE A 4 14.91 12.80 11.30
N LYS A 5 14.20 11.99 10.52
CA LYS A 5 14.03 12.25 9.10
C LYS A 5 13.41 13.63 8.83
N SER A 6 13.88 14.30 7.77
CA SER A 6 13.46 15.65 7.41
C SER A 6 12.46 15.66 6.27
N PRO A 7 11.75 16.79 6.07
CA PRO A 7 10.79 17.00 4.99
C PRO A 7 11.44 17.25 3.62
N LEU A 8 12.15 16.26 3.10
CA LEU A 8 12.83 16.42 1.81
C LEU A 8 11.86 16.34 0.62
N PRO A 9 12.19 17.03 -0.47
CA PRO A 9 11.40 16.95 -1.71
C PRO A 9 11.61 15.59 -2.37
N LEU A 10 10.66 15.17 -3.17
CA LEU A 10 10.82 13.97 -3.97
C LEU A 10 11.92 14.17 -5.02
N CYS A 11 12.73 13.16 -5.26
CA CYS A 11 13.75 13.23 -6.29
C CYS A 11 13.12 13.32 -7.68
N PRO A 12 13.84 13.91 -8.64
CA PRO A 12 13.40 13.88 -10.03
C PRO A 12 13.44 12.45 -10.56
N PHE A 13 12.52 12.11 -11.45
CA PHE A 13 12.50 10.77 -12.03
C PHE A 13 11.73 10.78 -13.34
N ARG A 14 12.04 9.85 -14.23
CA ARG A 14 11.31 9.76 -15.48
C ARG A 14 10.98 8.32 -15.87
N GLY A 15 11.24 7.38 -14.97
CA GLY A 15 10.86 6.00 -15.20
C GLY A 15 11.10 5.13 -13.99
N PHE A 16 10.52 3.94 -14.00
CA PHE A 16 10.69 3.02 -12.88
C PHE A 16 11.47 1.76 -13.26
N PHE A 17 12.30 1.30 -12.32
CA PHE A 17 13.27 0.25 -12.60
C PHE A 17 13.16 -0.89 -11.59
N PRO A 18 13.31 -2.14 -12.07
CA PRO A 18 13.17 -3.33 -11.21
C PRO A 18 14.22 -3.37 -10.11
N PHE A 19 13.76 -3.59 -8.88
CA PHE A 19 14.58 -3.46 -7.69
C PHE A 19 14.83 -4.84 -7.07
N HIS A 20 13.89 -5.26 -6.22
CA HIS A 20 13.92 -6.54 -5.51
C HIS A 20 12.72 -7.39 -5.89
N LYS A 21 12.90 -8.70 -5.99
CA LYS A 21 11.79 -9.63 -6.25
C LYS A 21 12.00 -10.89 -5.44
N ASP A 22 10.99 -11.34 -4.70
CA ASP A 22 11.22 -12.46 -3.79
C ASP A 22 10.89 -13.86 -4.32
N ASN A 23 10.00 -13.95 -5.32
CA ASN A 23 9.67 -15.26 -5.87
C ASN A 23 9.19 -16.18 -4.76
N ALA A 24 8.46 -15.63 -3.79
CA ALA A 24 8.12 -16.35 -2.57
C ALA A 24 7.27 -17.59 -2.80
N ILE A 25 6.36 -17.54 -3.76
CA ILE A 25 5.49 -18.69 -3.99
C ILE A 25 6.27 -19.84 -4.66
N ARG A 26 7.03 -19.51 -5.70
CA ARG A 26 7.97 -20.48 -6.31
C ARG A 26 8.83 -21.15 -5.25
N LEU A 27 9.43 -20.36 -4.37
CA LEU A 27 10.31 -20.89 -3.33
C LEU A 27 9.55 -21.63 -2.23
N GLY A 28 8.22 -21.49 -2.23
CA GLY A 28 7.40 -22.11 -1.20
C GLY A 28 6.88 -23.48 -1.57
N GLU A 29 7.37 -24.03 -2.69
CA GLU A 29 6.85 -25.29 -3.20
C GLU A 29 7.04 -26.43 -2.20
N ASN A 30 8.12 -26.37 -1.42
CA ASN A 30 8.42 -27.42 -0.45
C ASN A 30 7.98 -27.08 0.97
N LYS A 31 7.06 -26.12 1.10
CA LYS A 31 6.39 -25.81 2.37
C LYS A 31 7.27 -25.10 3.39
N ASP A 32 8.24 -24.32 2.91
CA ASP A 32 9.12 -23.56 3.81
C ASP A 32 8.60 -22.16 4.11
N VAL A 33 7.72 -21.66 3.25
CA VAL A 33 7.37 -20.26 3.25
C VAL A 33 6.08 -19.95 4.02
N ILE A 34 6.13 -18.87 4.80
CA ILE A 34 4.99 -18.44 5.60
C ILE A 34 3.89 -17.82 4.73
N VAL A 35 2.64 -18.22 4.96
CA VAL A 35 1.51 -17.63 4.23
C VAL A 35 1.34 -16.17 4.62
N THR A 36 1.24 -15.30 3.61
CA THR A 36 1.07 -13.88 3.86
C THR A 36 0.02 -13.25 2.94
N ARG A 37 -0.29 -11.99 3.20
CA ARG A 37 -0.92 -11.10 2.23
C ARG A 37 -0.75 -9.68 2.72
N GLU A 38 -1.22 -8.71 1.94
CA GLU A 38 -1.05 -7.30 2.26
C GLU A 38 0.39 -6.96 2.63
N PRO A 39 1.33 -7.27 1.74
CA PRO A 39 2.74 -6.94 2.00
C PRO A 39 3.00 -5.45 1.77
N TYR A 40 4.14 -4.98 2.26
CA TYR A 40 4.64 -3.67 1.87
C TYR A 40 6.13 -3.59 2.14
N VAL A 41 6.72 -2.44 1.86
CA VAL A 41 8.15 -2.25 2.07
C VAL A 41 8.37 -0.97 2.83
N SER A 42 9.39 -0.95 3.69
CA SER A 42 9.75 0.27 4.38
C SER A 42 11.21 0.14 4.81
N CYS A 43 11.91 1.27 4.86
CA CYS A 43 13.35 1.24 5.08
C CYS A 43 13.76 2.07 6.28
N ASP A 44 14.86 1.65 6.93
CA ASP A 44 15.48 2.47 7.97
C ASP A 44 16.80 3.01 7.46
N ASN A 45 17.71 3.38 8.36
CA ASN A 45 18.98 3.96 7.92
C ASN A 45 19.87 2.93 7.23
N ASP A 46 19.70 1.67 7.59
CA ASP A 46 20.63 0.64 7.15
C ASP A 46 20.06 -0.34 6.12
N ASN A 47 18.76 -0.59 6.19
CA ASN A 47 18.15 -1.60 5.33
C ASN A 47 16.75 -1.26 4.89
N CYS A 48 16.37 -1.74 3.71
CA CYS A 48 14.96 -1.80 3.33
C CYS A 48 14.46 -3.17 3.76
N TRP A 49 13.20 -3.23 4.17
CA TRP A 49 12.60 -4.47 4.67
C TRP A 49 11.28 -4.78 3.99
N SER A 50 10.98 -6.07 3.85
CA SER A 50 9.63 -6.47 3.50
C SER A 50 8.81 -6.63 4.78
N PHE A 51 7.56 -6.15 4.74
CA PHE A 51 6.60 -6.41 5.79
C PHE A 51 5.39 -7.08 5.17
N ALA A 52 4.69 -7.90 5.94
CA ALA A 52 3.45 -8.48 5.46
C ALA A 52 2.63 -9.02 6.60
N LEU A 53 1.33 -9.24 6.36
CA LEU A 53 0.49 -9.85 7.38
C LEU A 53 0.52 -11.35 7.17
N ALA A 54 1.19 -12.05 8.07
CA ALA A 54 1.27 -13.51 7.97
C ALA A 54 -0.08 -14.08 8.36
N GLN A 55 -0.28 -15.37 8.10
CA GLN A 55 -1.53 -16.05 8.43
C GLN A 55 -1.30 -17.15 9.45
N GLY A 56 -0.12 -17.15 10.07
CA GLY A 56 0.15 -18.11 11.13
C GLY A 56 0.15 -19.54 10.63
N ALA A 57 0.62 -19.72 9.41
CA ALA A 57 0.65 -21.04 8.79
C ALA A 57 1.68 -21.06 7.68
N LEU A 58 2.22 -22.25 7.40
CA LEU A 58 3.13 -22.45 6.29
C LEU A 58 2.36 -22.79 5.01
N LEU A 59 2.79 -22.18 3.91
CA LEU A 59 2.19 -22.37 2.60
C LEU A 59 2.20 -23.86 2.22
N GLY A 60 1.01 -24.40 1.91
CA GLY A 60 0.91 -25.77 1.46
C GLY A 60 0.66 -26.78 2.57
N THR A 61 0.64 -26.31 3.82
CA THR A 61 0.26 -27.20 4.91
C THR A 61 -1.25 -27.16 5.06
N LYS A 62 -1.79 -28.05 5.87
CA LYS A 62 -3.23 -28.09 6.08
C LYS A 62 -3.75 -26.79 6.70
N HIS A 63 -2.97 -26.19 7.58
CA HIS A 63 -3.37 -24.93 8.22
C HIS A 63 -3.43 -23.75 7.23
N SER A 64 -2.87 -23.90 6.04
CA SER A 64 -2.93 -22.82 5.04
C SER A 64 -4.26 -22.84 4.31
N ASN A 65 -4.98 -23.95 4.42
CA ASN A 65 -6.28 -24.10 3.78
C ASN A 65 -7.26 -23.04 4.30
N GLY A 66 -7.79 -22.23 3.40
CA GLY A 66 -8.78 -21.24 3.78
C GLY A 66 -8.24 -19.88 4.21
N THR A 67 -6.96 -19.64 3.91
CA THR A 67 -6.34 -18.37 4.26
C THR A 67 -6.80 -17.19 3.40
N ILE A 68 -7.84 -17.38 2.63
CA ILE A 68 -8.48 -16.25 1.96
C ILE A 68 -9.11 -15.34 3.02
N LYS A 69 -9.43 -15.90 4.18
CA LYS A 69 -10.05 -15.13 5.27
C LYS A 69 -9.15 -13.97 5.72
N ASP A 70 -9.74 -12.77 5.77
CA ASP A 70 -8.97 -11.55 5.96
C ASP A 70 -8.49 -11.33 7.40
N ARG A 71 -9.36 -11.62 8.36
CA ARG A 71 -9.06 -11.33 9.74
C ARG A 71 -9.18 -12.56 10.64
N THR A 72 -8.06 -12.90 11.28
CA THR A 72 -8.02 -13.97 12.27
C THR A 72 -7.06 -13.54 13.38
N PRO A 73 -7.16 -14.19 14.54
CA PRO A 73 -6.24 -13.94 15.67
C PRO A 73 -4.84 -14.44 15.37
N TYR A 74 -4.70 -15.23 14.31
CA TYR A 74 -3.45 -15.90 13.99
C TYR A 74 -2.63 -15.12 12.99
N ARG A 75 -3.07 -13.90 12.68
CA ARG A 75 -2.32 -13.01 11.80
C ARG A 75 -1.43 -12.10 12.62
N SER A 76 -0.18 -11.96 12.16
CA SER A 76 0.79 -11.07 12.77
C SER A 76 1.46 -10.27 11.66
N LEU A 77 1.75 -9.00 11.93
CA LEU A 77 2.67 -8.27 11.07
C LEU A 77 4.05 -8.90 11.24
N ILE A 78 4.65 -9.35 10.13
CA ILE A 78 6.03 -9.87 10.17
C ILE A 78 6.95 -9.05 9.27
N ARG A 79 8.24 -9.17 9.53
CA ARG A 79 9.26 -8.45 8.78
C ARG A 79 10.33 -9.43 8.31
N PHE A 80 10.80 -9.25 7.09
CA PHE A 80 11.84 -10.15 6.57
C PHE A 80 12.70 -9.40 5.56
N PRO A 81 13.93 -9.89 5.33
CA PRO A 81 14.85 -9.19 4.42
C PRO A 81 14.18 -8.91 3.07
N ILE A 82 14.34 -7.68 2.57
CA ILE A 82 13.67 -7.30 1.34
C ILE A 82 14.09 -8.22 0.21
N GLY A 83 13.12 -8.67 -0.58
CA GLY A 83 13.40 -9.57 -1.68
C GLY A 83 13.61 -11.03 -1.29
N THR A 84 13.58 -11.35 0.00
CA THR A 84 13.64 -12.75 0.44
C THR A 84 12.24 -13.31 0.71
N ALA A 85 12.09 -14.62 0.56
CA ALA A 85 10.84 -15.27 0.95
C ALA A 85 10.77 -15.29 2.48
N PRO A 86 9.56 -15.12 3.04
CA PRO A 86 9.45 -15.18 4.50
C PRO A 86 9.47 -16.62 4.99
N VAL A 87 10.49 -16.97 5.76
CA VAL A 87 10.56 -18.32 6.34
C VAL A 87 10.82 -18.22 7.83
N LEU A 88 10.58 -19.32 8.54
CA LEU A 88 10.70 -19.32 9.99
C LEU A 88 12.10 -18.92 10.43
N GLY A 89 13.10 -19.26 9.62
CA GLY A 89 14.47 -18.95 9.94
C GLY A 89 14.92 -17.53 9.67
N ASN A 90 14.09 -16.72 9.02
CA ASN A 90 14.49 -15.34 8.75
C ASN A 90 13.51 -14.24 9.18
N TYR A 91 12.31 -14.63 9.61
CA TYR A 91 11.32 -13.62 9.88
C TYR A 91 11.40 -13.08 11.30
N LYS A 92 10.85 -11.89 11.50
CA LYS A 92 10.64 -11.35 12.84
C LYS A 92 9.16 -11.04 12.99
N GLU A 93 8.57 -11.35 14.14
CA GLU A 93 7.17 -11.01 14.37
C GLU A 93 7.08 -9.65 15.03
N ILE A 94 6.44 -8.69 14.37
CA ILE A 94 6.40 -7.33 14.87
C ILE A 94 5.30 -7.15 15.91
N CYS A 95 4.10 -7.66 15.59
CA CYS A 95 2.95 -7.51 16.48
C CYS A 95 1.79 -8.34 15.94
N ILE A 96 0.83 -8.62 16.81
CA ILE A 96 -0.39 -9.25 16.35
C ILE A 96 -1.17 -8.23 15.54
N ALA A 97 -1.52 -8.58 14.32
CA ALA A 97 -2.23 -7.63 13.46
C ALA A 97 -2.93 -8.27 12.27
N TRP A 98 -4.15 -7.83 11.99
CA TRP A 98 -4.78 -8.10 10.70
C TRP A 98 -4.96 -6.84 9.84
N SER A 99 -4.43 -5.72 10.32
CA SER A 99 -4.23 -4.53 9.50
C SER A 99 -3.04 -3.78 10.09
N SER A 100 -2.21 -3.16 9.26
CA SER A 100 -1.00 -2.55 9.78
C SER A 100 -0.40 -1.43 8.94
N SER A 101 0.47 -0.68 9.57
CA SER A 101 1.33 0.28 8.91
C SER A 101 2.63 0.34 9.70
N SER A 102 3.73 0.59 9.02
CA SER A 102 5.04 0.74 9.66
C SER A 102 5.78 1.92 9.06
N CYS A 103 6.57 2.60 9.87
CA CYS A 103 7.47 3.63 9.35
C CYS A 103 8.61 3.93 10.31
N PHE A 104 9.75 4.31 9.76
CA PHE A 104 10.95 4.60 10.54
C PHE A 104 11.11 6.12 10.63
N ASP A 105 11.32 6.64 11.85
CA ASP A 105 11.34 8.09 12.01
C ASP A 105 12.74 8.71 11.93
N GLY A 106 13.73 7.89 11.66
CA GLY A 106 15.12 8.34 11.63
C GLY A 106 15.90 7.74 12.78
N LYS A 107 15.18 7.40 13.85
CA LYS A 107 15.78 6.81 15.04
C LYS A 107 15.21 5.43 15.37
N GLU A 108 13.89 5.30 15.35
CA GLU A 108 13.22 4.06 15.71
C GLU A 108 12.06 3.72 14.75
N TRP A 109 11.69 2.46 14.74
CA TRP A 109 10.49 2.00 14.02
C TRP A 109 9.22 2.23 14.82
N MET A 110 8.18 2.69 14.14
CA MET A 110 6.83 2.72 14.66
C MET A 110 5.97 1.76 13.84
N HIS A 111 5.04 1.09 14.52
CA HIS A 111 4.10 0.21 13.86
C HIS A 111 2.71 0.45 14.43
N VAL A 112 1.71 0.27 13.58
CA VAL A 112 0.31 0.36 13.98
C VAL A 112 -0.31 -0.99 13.65
N CYS A 113 -0.85 -1.67 14.65
CA CYS A 113 -1.30 -3.05 14.52
C CYS A 113 -2.73 -3.22 15.01
N MET A 114 -3.66 -3.50 14.11
CA MET A 114 -5.05 -3.74 14.53
C MET A 114 -5.32 -5.23 14.70
N THR A 115 -6.00 -5.58 15.79
CA THR A 115 -6.45 -6.96 15.96
C THR A 115 -7.67 -7.01 16.89
N GLY A 116 -8.21 -8.21 17.08
CA GLY A 116 -9.41 -8.37 17.88
C GLY A 116 -10.67 -8.51 17.05
N ASN A 117 -11.82 -8.47 17.72
CA ASN A 117 -13.12 -8.64 17.06
C ASN A 117 -13.44 -7.51 16.09
N ASP A 118 -14.18 -7.84 15.04
CA ASP A 118 -14.55 -6.85 14.05
C ASP A 118 -15.24 -5.64 14.68
N ASN A 119 -16.03 -5.88 15.72
CA ASN A 119 -16.82 -4.80 16.32
C ASN A 119 -16.14 -4.08 17.48
N ASP A 120 -14.95 -4.54 17.86
CA ASP A 120 -14.30 -4.09 19.08
C ASP A 120 -12.78 -4.13 18.99
N ALA A 121 -12.25 -3.83 17.80
CA ALA A 121 -10.82 -3.94 17.55
C ALA A 121 -10.06 -2.80 18.22
N SER A 122 -8.76 -3.00 18.41
CA SER A 122 -7.90 -1.92 18.88
C SER A 122 -6.63 -1.91 18.06
N ALA A 123 -6.06 -0.72 17.90
CA ALA A 123 -4.79 -0.56 17.23
C ALA A 123 -3.70 -0.34 18.27
N GLN A 124 -2.70 -1.21 18.27
CA GLN A 124 -1.56 -1.04 19.17
C GLN A 124 -0.49 -0.23 18.46
N ILE A 125 0.05 0.77 19.14
CA ILE A 125 1.16 1.54 18.61
C ILE A 125 2.46 1.00 19.22
N ILE A 126 3.36 0.54 18.35
CA ILE A 126 4.66 0.03 18.80
C ILE A 126 5.74 1.05 18.41
N TYR A 127 6.64 1.34 19.33
CA TYR A 127 7.74 2.26 19.04
C TYR A 127 9.02 1.75 19.69
N GLY A 128 10.04 1.51 18.88
CA GLY A 128 11.29 0.95 19.37
C GLY A 128 11.05 -0.39 20.04
N GLY A 129 10.05 -1.11 19.54
CA GLY A 129 9.74 -2.44 20.05
C GLY A 129 8.83 -2.45 21.26
N ARG A 130 8.52 -1.28 21.80
CA ARG A 130 7.64 -1.20 22.97
C ARG A 130 6.25 -0.72 22.60
N MET A 131 5.24 -1.34 23.17
CA MET A 131 3.86 -0.88 22.98
C MET A 131 3.64 0.39 23.78
N THR A 132 3.45 1.51 23.08
CA THR A 132 3.44 2.84 23.69
C THR A 132 2.07 3.50 23.78
N ASP A 133 1.14 3.06 22.95
CA ASP A 133 -0.18 3.71 22.91
C ASP A 133 -1.15 2.82 22.16
N SER A 134 -2.39 3.26 22.03
CA SER A 134 -3.41 2.47 21.35
C SER A 134 -4.57 3.31 20.87
N ILE A 135 -5.31 2.78 19.92
CA ILE A 135 -6.55 3.41 19.45
C ILE A 135 -7.66 2.39 19.61
N LYS A 136 -8.75 2.81 20.27
CA LYS A 136 -9.89 1.91 20.44
C LYS A 136 -10.90 2.18 19.33
N SER A 137 -11.45 1.11 18.76
CA SER A 137 -12.44 1.28 17.69
C SER A 137 -13.54 2.21 18.19
N TRP A 138 -13.86 3.24 17.42
CA TRP A 138 -14.90 4.18 17.83
C TRP A 138 -16.21 4.04 17.04
N ARG A 139 -16.13 3.47 15.85
CA ARG A 139 -17.32 3.15 15.06
C ARG A 139 -17.63 1.66 15.12
N LYS A 140 -16.77 0.90 15.81
CA LYS A 140 -16.98 -0.52 16.01
C LYS A 140 -17.25 -1.30 14.72
N ASP A 141 -16.49 -0.99 13.68
CA ASP A 141 -16.68 -1.63 12.38
C ASP A 141 -15.35 -1.74 11.63
N ILE A 142 -14.55 -2.72 12.04
CA ILE A 142 -13.26 -3.01 11.40
C ILE A 142 -12.31 -1.80 11.34
N LEU A 143 -11.87 -1.34 12.51
CA LEU A 143 -10.82 -0.34 12.58
C LEU A 143 -9.64 -0.86 11.74
N ARG A 144 -9.10 -0.01 10.87
CA ARG A 144 -8.13 -0.48 9.88
C ARG A 144 -7.21 0.63 9.38
N THR A 145 -6.10 0.26 8.74
CA THR A 145 -5.15 1.28 8.33
C THR A 145 -4.52 0.98 6.96
N GLN A 146 -3.38 1.59 6.67
CA GLN A 146 -2.85 1.69 5.31
C GLN A 146 -2.46 0.41 4.58
N GLU A 147 -1.86 -0.55 5.31
CA GLU A 147 -1.26 -1.73 4.69
C GLU A 147 -0.07 -1.35 3.82
N SER A 148 0.51 -0.20 4.10
CA SER A 148 1.83 0.17 3.58
C SER A 148 2.45 1.19 4.52
N GLU A 149 3.63 1.71 4.17
CA GLU A 149 4.39 2.51 5.12
C GLU A 149 3.73 3.86 5.42
N CYS A 150 3.74 4.23 6.69
CA CYS A 150 3.39 5.57 7.11
C CYS A 150 4.58 6.49 6.84
N GLN A 151 4.48 7.75 7.23
CA GLN A 151 5.58 8.69 6.99
C GLN A 151 5.87 9.51 8.25
N CYS A 152 7.12 9.90 8.41
CA CYS A 152 7.55 10.62 9.61
C CYS A 152 8.35 11.85 9.23
N ILE A 153 7.98 13.00 9.78
CA ILE A 153 8.71 14.23 9.52
C ILE A 153 9.07 14.95 10.81
N ASP A 154 10.37 15.16 10.98
CA ASP A 154 10.90 15.83 12.17
C ASP A 154 10.43 15.20 13.47
N GLY A 155 10.28 13.89 13.44
CA GLY A 155 9.94 13.13 14.64
C GLY A 155 8.46 12.81 14.79
N THR A 156 7.63 13.47 13.99
CA THR A 156 6.20 13.23 14.04
C THR A 156 5.77 12.35 12.88
N CYS A 157 5.20 11.21 13.20
CA CYS A 157 4.74 10.26 12.19
C CYS A 157 3.26 10.47 11.95
N VAL A 158 2.85 10.28 10.69
CA VAL A 158 1.48 10.46 10.26
C VAL A 158 0.92 9.16 9.68
N VAL A 159 -0.30 8.80 10.06
CA VAL A 159 -0.91 7.56 9.59
C VAL A 159 -2.42 7.70 9.43
N ALA A 160 -2.94 7.20 8.31
CA ALA A 160 -4.36 7.26 8.00
C ALA A 160 -5.08 6.02 8.50
N VAL A 161 -6.22 6.23 9.16
CA VAL A 161 -6.95 5.17 9.84
C VAL A 161 -8.44 5.28 9.52
N THR A 162 -9.11 4.13 9.37
CA THR A 162 -10.53 4.11 9.03
C THR A 162 -11.34 3.18 9.94
N ASP A 163 -12.57 3.59 10.26
CA ASP A 163 -13.48 2.76 11.04
C ASP A 163 -14.88 3.00 10.51
N GLY A 164 -15.56 1.92 10.11
CA GLY A 164 -16.88 2.03 9.54
C GLY A 164 -17.07 1.19 8.29
N PRO A 165 -18.21 1.37 7.60
CA PRO A 165 -18.61 0.58 6.42
C PRO A 165 -17.62 0.60 5.25
N ALA A 166 -17.59 -0.50 4.52
CA ALA A 166 -16.71 -0.64 3.35
C ALA A 166 -17.32 0.02 2.11
N ALA A 167 -18.65 0.04 2.05
CA ALA A 167 -19.35 0.59 0.89
C ALA A 167 -20.42 1.60 1.28
N ASN A 168 -20.13 2.38 2.31
CA ASN A 168 -21.01 3.46 2.74
C ASN A 168 -20.16 4.48 3.49
N SER A 169 -20.79 5.53 3.98
CA SER A 169 -20.06 6.57 4.71
C SER A 169 -19.44 6.01 6.00
N ALA A 170 -18.12 6.20 6.14
CA ALA A 170 -17.43 5.79 7.36
C ALA A 170 -16.63 6.96 7.93
N ASP A 171 -15.87 6.71 8.99
CA ASP A 171 -14.99 7.73 9.54
C ASP A 171 -13.56 7.49 9.06
N TYR A 172 -12.91 8.54 8.58
CA TYR A 172 -11.51 8.48 8.18
C TYR A 172 -10.74 9.52 8.95
N ARG A 173 -9.65 9.10 9.57
CA ARG A 173 -8.82 9.99 10.36
C ARG A 173 -7.37 9.91 9.98
N VAL A 174 -6.64 10.98 10.28
CA VAL A 174 -5.19 10.93 10.31
C VAL A 174 -4.75 11.07 11.77
N TYR A 175 -3.79 10.25 12.18
CA TYR A 175 -3.23 10.36 13.52
C TYR A 175 -1.79 10.85 13.44
N TRP A 176 -1.44 11.78 14.32
CA TRP A 176 -0.07 12.23 14.47
C TRP A 176 0.51 11.57 15.71
N ILE A 177 1.64 10.90 15.55
CA ILE A 177 2.22 10.11 16.62
C ILE A 177 3.71 10.42 16.75
N ARG A 178 4.12 10.80 17.95
CA ARG A 178 5.51 11.15 18.20
C ARG A 178 6.12 10.23 19.25
N GLU A 179 7.21 9.56 18.87
CA GLU A 179 7.87 8.59 19.74
C GLU A 179 6.86 7.60 20.32
N GLY A 180 5.89 7.21 19.50
CA GLY A 180 4.93 6.19 19.86
C GLY A 180 3.73 6.71 20.62
N LYS A 181 3.72 8.01 20.90
CA LYS A 181 2.60 8.61 21.64
C LYS A 181 1.72 9.45 20.74
N ILE A 182 0.43 9.12 20.75
CA ILE A 182 -0.55 9.84 19.97
C ILE A 182 -0.63 11.28 20.46
N ILE A 183 -0.39 12.20 19.54
CA ILE A 183 -0.40 13.63 19.84
C ILE A 183 -1.79 14.21 19.59
N LYS A 184 -2.36 13.85 18.43
CA LYS A 184 -3.67 14.35 18.02
C LYS A 184 -4.17 13.54 16.84
N TYR A 185 -5.46 13.66 16.55
CA TYR A 185 -5.98 13.13 15.30
C TYR A 185 -6.91 14.17 14.67
N GLU A 186 -7.17 14.02 13.38
CA GLU A 186 -8.14 14.85 12.69
C GLU A 186 -9.06 13.97 11.85
N ASN A 187 -10.35 14.25 11.89
CA ASN A 187 -11.26 13.65 10.94
C ASN A 187 -11.00 14.25 9.55
N VAL A 188 -10.82 13.38 8.55
CA VAL A 188 -10.57 13.87 7.20
C VAL A 188 -11.81 14.62 6.70
N PRO A 189 -11.61 15.84 6.19
CA PRO A 189 -12.72 16.63 5.67
C PRO A 189 -13.46 15.86 4.58
N LYS A 190 -14.78 15.94 4.55
CA LYS A 190 -15.56 15.23 3.54
C LYS A 190 -16.11 16.17 2.46
N THR A 191 -15.51 17.35 2.34
CA THR A 191 -15.90 18.30 1.31
C THR A 191 -15.61 17.76 -0.09
N LYS A 192 -14.61 16.90 -0.20
CA LYS A 192 -14.29 16.29 -1.48
C LYS A 192 -14.27 14.78 -1.35
N ILE A 193 -13.41 14.29 -0.46
CA ILE A 193 -13.30 12.86 -0.22
C ILE A 193 -14.58 12.29 0.38
N GLN A 194 -15.07 11.21 -0.21
CA GLN A 194 -16.29 10.57 0.26
C GLN A 194 -16.03 9.20 0.87
N HIS A 195 -14.95 8.57 0.45
CA HIS A 195 -14.55 7.30 1.06
C HIS A 195 -13.05 7.11 0.93
N LEU A 196 -12.43 6.59 1.98
CA LEU A 196 -10.97 6.52 2.03
C LEU A 196 -10.50 5.25 2.75
N GLU A 197 -9.66 4.49 2.07
CA GLU A 197 -9.13 3.23 2.56
C GLU A 197 -7.68 3.07 2.12
N GLU A 198 -6.90 2.30 2.87
CA GLU A 198 -5.60 1.83 2.41
C GLU A 198 -4.72 2.87 1.72
N CYS A 199 -4.49 3.99 2.41
CA CYS A 199 -3.65 5.04 1.86
C CYS A 199 -2.20 4.60 1.60
N SER A 200 -1.71 4.94 0.42
CA SER A 200 -0.31 4.79 0.07
C SER A 200 0.32 6.17 0.11
N CYS A 201 1.30 6.36 0.99
CA CYS A 201 1.83 7.69 1.22
C CYS A 201 3.32 7.78 0.91
N TYR A 202 3.79 9.01 0.74
CA TYR A 202 5.21 9.26 0.50
C TYR A 202 5.49 10.69 0.95
N VAL A 203 6.73 11.12 0.87
CA VAL A 203 7.07 12.48 1.27
C VAL A 203 7.66 13.28 0.10
N ASP A 204 7.12 14.47 -0.09
CA ASP A 204 7.61 15.43 -1.09
C ASP A 204 7.44 16.80 -0.42
N ILE A 205 8.37 17.11 0.47
CA ILE A 205 8.24 18.20 1.45
C ILE A 205 7.17 17.86 2.48
N ASP A 206 5.92 17.82 2.03
CA ASP A 206 4.82 17.37 2.87
C ASP A 206 4.55 15.89 2.60
N VAL A 207 3.74 15.28 3.44
CA VAL A 207 3.28 13.92 3.18
C VAL A 207 2.14 13.94 2.17
N TYR A 208 2.25 13.14 1.12
CA TYR A 208 1.13 12.93 0.21
C TYR A 208 0.64 11.49 0.35
N CYS A 209 -0.67 11.34 0.45
CA CYS A 209 -1.31 10.03 0.48
C CYS A 209 -2.28 9.91 -0.69
N ILE A 210 -2.15 8.81 -1.43
CA ILE A 210 -3.09 8.50 -2.49
C ILE A 210 -3.76 7.20 -2.09
N CYS A 211 -5.08 7.20 -2.02
CA CYS A 211 -5.77 6.13 -1.33
C CYS A 211 -6.81 5.42 -2.21
N ARG A 212 -7.72 4.72 -1.56
CA ARG A 212 -8.72 3.92 -2.23
C ARG A 212 -10.11 4.35 -1.77
N ASP A 213 -10.92 4.84 -2.70
CA ASP A 213 -12.33 5.11 -2.44
C ASP A 213 -13.05 3.82 -2.80
N ASN A 214 -13.66 3.17 -1.82
CA ASN A 214 -14.22 1.84 -2.06
C ASN A 214 -15.72 1.90 -2.37
N TRP A 215 -16.23 3.10 -2.57
CA TRP A 215 -17.66 3.32 -2.61
C TRP A 215 -18.14 3.88 -3.95
N LYS A 216 -17.75 5.12 -4.25
CA LYS A 216 -18.26 5.80 -5.43
C LYS A 216 -17.17 6.24 -6.41
N GLY A 217 -15.92 6.10 -6.01
CA GLY A 217 -14.83 6.65 -6.80
C GLY A 217 -13.94 5.65 -7.51
N SER A 218 -13.95 5.70 -8.84
CA SER A 218 -13.00 4.92 -9.64
C SER A 218 -11.69 5.69 -9.76
N ASN A 219 -11.77 6.97 -9.45
CA ASN A 219 -10.57 7.80 -9.27
C ASN A 219 -10.12 7.70 -7.81
N ARG A 220 -8.83 7.92 -7.56
CA ARG A 220 -8.30 7.79 -6.21
C ARG A 220 -8.32 9.11 -5.43
N PRO A 221 -8.84 9.08 -4.20
CA PRO A 221 -8.81 10.24 -3.31
C PRO A 221 -7.39 10.45 -2.80
N TRP A 222 -7.06 11.69 -2.42
CA TRP A 222 -5.73 11.99 -1.95
C TRP A 222 -5.73 13.07 -0.87
N MET A 223 -4.65 13.10 -0.07
CA MET A 223 -4.47 14.10 0.97
C MET A 223 -3.04 14.61 0.95
N ARG A 224 -2.87 15.86 1.38
CA ARG A 224 -1.54 16.42 1.63
C ARG A 224 -1.50 16.79 3.10
N ILE A 225 -0.46 16.35 3.80
CA ILE A 225 -0.39 16.47 5.25
C ILE A 225 1.00 16.89 5.70
N ASN A 226 1.08 17.73 6.73
CA ASN A 226 2.38 17.99 7.35
C ASN A 226 2.40 17.50 8.79
N ASN A 227 3.40 17.92 9.56
CA ASN A 227 3.56 17.43 10.93
C ASN A 227 2.50 17.95 11.90
N GLU A 228 1.58 18.77 11.41
CA GLU A 228 0.58 19.41 12.26
C GLU A 228 -0.88 19.19 11.83
N THR A 229 -1.13 19.12 10.53
CA THR A 229 -2.51 19.10 10.08
C THR A 229 -2.66 18.63 8.63
N ILE A 230 -3.89 18.31 8.25
CA ILE A 230 -4.21 18.04 6.86
C ILE A 230 -4.27 19.36 6.10
N LEU A 231 -3.43 19.50 5.08
CA LEU A 231 -3.32 20.76 4.33
C LEU A 231 -4.28 20.85 3.14
N GLU A 232 -4.52 19.71 2.49
CA GLU A 232 -5.26 19.71 1.23
C GLU A 232 -5.87 18.34 1.02
N THR A 233 -7.00 18.28 0.33
CA THR A 233 -7.62 17.01 -0.05
C THR A 233 -8.20 17.09 -1.47
N GLY A 234 -8.53 15.94 -2.04
CA GLY A 234 -9.15 15.90 -3.34
C GLY A 234 -9.19 14.51 -3.94
N TYR A 235 -9.48 14.45 -5.24
CA TYR A 235 -9.31 13.23 -6.02
C TYR A 235 -8.31 13.53 -7.13
N VAL A 236 -7.58 12.52 -7.58
CA VAL A 236 -6.61 12.73 -8.65
C VAL A 236 -7.33 13.14 -9.92
N CYS A 237 -6.93 14.28 -10.47
CA CYS A 237 -7.65 14.89 -11.59
C CYS A 237 -7.65 14.01 -12.83
N SER A 238 -6.57 13.26 -13.02
CA SER A 238 -6.39 12.47 -14.25
C SER A 238 -7.68 11.84 -14.77
N LYS A 239 -7.99 12.11 -16.03
CA LYS A 239 -9.15 11.49 -16.68
C LYS A 239 -8.87 10.02 -16.96
N PHE A 240 -7.62 9.61 -16.78
CA PHE A 240 -7.29 8.19 -16.81
C PHE A 240 -7.27 7.71 -15.36
N HIS A 241 -8.28 6.93 -15.00
CA HIS A 241 -8.48 6.53 -13.60
C HIS A 241 -7.54 5.40 -13.23
N SER A 242 -7.33 5.17 -11.94
CA SER A 242 -6.36 4.16 -11.53
C SER A 242 -6.80 3.19 -10.43
N ASP A 243 -8.09 3.19 -10.09
CA ASP A 243 -8.60 2.17 -9.18
C ASP A 243 -8.99 0.93 -9.98
N THR A 244 -9.37 -0.13 -9.27
CA THR A 244 -9.91 -1.33 -9.90
C THR A 244 -11.08 -1.87 -9.07
N PRO A 245 -12.29 -1.90 -9.65
CA PRO A 245 -12.59 -1.61 -11.07
C PRO A 245 -12.56 -0.12 -11.43
N ARG A 246 -12.68 0.16 -12.73
CA ARG A 246 -12.68 1.52 -13.24
C ARG A 246 -13.15 1.51 -14.69
N PRO A 247 -13.62 2.66 -15.19
CA PRO A 247 -13.98 2.81 -16.61
C PRO A 247 -12.75 2.78 -17.50
N ALA A 248 -12.93 2.42 -18.76
CA ALA A 248 -11.85 2.43 -19.74
C ALA A 248 -11.37 3.86 -19.96
N ASP A 249 -10.13 4.02 -20.44
CA ASP A 249 -9.63 5.35 -20.80
C ASP A 249 -10.31 5.78 -22.11
N PRO A 250 -10.63 7.08 -22.23
CA PRO A 250 -10.50 8.13 -21.23
C PRO A 250 -11.78 8.19 -20.42
N SER A 251 -11.68 8.57 -19.16
CA SER A 251 -12.88 8.72 -18.35
C SER A 251 -13.04 10.17 -17.92
N THR A 252 -13.67 10.38 -16.77
CA THR A 252 -14.00 11.72 -16.29
C THR A 252 -12.82 12.39 -15.58
N MET A 253 -12.69 13.70 -15.77
CA MET A 253 -11.73 14.48 -15.01
C MET A 253 -12.39 15.03 -13.76
N SER A 254 -12.14 14.38 -12.62
CA SER A 254 -12.80 14.76 -11.38
C SER A 254 -11.78 15.08 -10.30
N CYS A 255 -11.42 16.36 -10.21
CA CYS A 255 -10.45 16.80 -9.21
C CYS A 255 -11.01 16.88 -7.79
N ASP A 256 -12.32 17.05 -7.67
CA ASP A 256 -12.92 17.45 -6.39
C ASP A 256 -13.96 16.48 -5.83
N SER A 257 -14.21 15.39 -6.53
CA SER A 257 -15.24 14.44 -6.11
C SER A 257 -15.02 13.06 -6.72
N PRO A 258 -15.71 12.04 -6.19
CA PRO A 258 -15.62 10.71 -6.77
C PRO A 258 -16.23 10.67 -8.16
N SER A 259 -15.71 9.80 -9.03
CA SER A 259 -16.19 9.72 -10.40
C SER A 259 -17.67 9.37 -10.48
N ASN A 260 -18.12 8.53 -9.55
CA ASN A 260 -19.49 8.02 -9.54
C ASN A 260 -19.76 6.97 -10.60
N VAL A 261 -18.70 6.42 -11.16
CA VAL A 261 -18.82 5.34 -12.15
C VAL A 261 -17.85 4.22 -11.81
N ASN A 262 -18.33 2.98 -11.85
CA ASN A 262 -17.53 1.82 -11.44
C ASN A 262 -16.89 2.06 -10.09
N GLY A 263 -17.70 2.55 -9.16
CA GLY A 263 -17.22 3.11 -7.92
C GLY A 263 -16.71 2.11 -6.90
N GLY A 264 -17.33 0.93 -6.83
CA GLY A 264 -16.93 -0.05 -5.84
C GLY A 264 -16.69 -1.42 -6.47
N PRO A 265 -15.86 -2.26 -5.82
CA PRO A 265 -15.13 -1.93 -4.59
C PRO A 265 -13.90 -1.11 -4.91
N GLY A 266 -12.73 -1.76 -4.98
CA GLY A 266 -11.49 -1.07 -5.29
C GLY A 266 -10.31 -1.97 -5.00
N VAL A 267 -9.11 -1.40 -5.10
CA VAL A 267 -7.90 -2.10 -4.71
C VAL A 267 -6.90 -1.07 -4.20
N LYS A 268 -6.09 -1.44 -3.22
CA LYS A 268 -5.05 -0.52 -2.75
C LYS A 268 -4.09 -0.19 -3.87
N GLY A 269 -3.80 1.09 -4.04
CA GLY A 269 -2.90 1.54 -5.08
C GLY A 269 -2.16 2.79 -4.65
N PHE A 270 -1.39 3.35 -5.57
CA PHE A 270 -0.52 4.46 -5.24
C PHE A 270 -0.35 5.38 -6.44
N GLY A 271 0.26 6.53 -6.18
CA GLY A 271 0.64 7.44 -7.25
C GLY A 271 1.71 8.38 -6.77
N PHE A 272 2.31 9.12 -7.71
CA PHE A 272 3.27 10.15 -7.36
C PHE A 272 3.00 11.42 -8.15
N LYS A 273 2.72 12.51 -7.44
CA LYS A 273 2.61 13.82 -8.06
C LYS A 273 3.99 14.27 -8.51
N ALA A 274 4.07 14.83 -9.73
CA ALA A 274 5.33 15.31 -10.29
C ALA A 274 5.07 16.63 -11.00
N GLY A 275 5.25 17.72 -10.29
CA GLY A 275 4.84 19.03 -10.78
C GLY A 275 3.34 19.04 -10.96
N ASP A 276 2.88 19.34 -12.17
CA ASP A 276 1.46 19.30 -12.48
C ASP A 276 1.06 17.93 -13.00
N ASP A 277 2.05 17.07 -13.21
CA ASP A 277 1.81 15.72 -13.74
C ASP A 277 1.57 14.74 -12.60
N VAL A 278 1.09 13.56 -12.92
CA VAL A 278 0.97 12.49 -11.92
C VAL A 278 1.31 11.12 -12.49
N TRP A 279 2.05 10.33 -11.72
CA TRP A 279 2.27 8.93 -12.07
C TRP A 279 1.26 8.08 -11.31
N LEU A 280 0.66 7.12 -11.98
CA LEU A 280 -0.36 6.28 -11.33
C LEU A 280 -0.13 4.81 -11.61
N GLY A 281 -0.03 4.02 -10.53
CA GLY A 281 0.01 2.58 -10.68
C GLY A 281 -1.40 2.09 -10.90
N ARG A 282 -1.54 0.98 -11.61
CA ARG A 282 -2.85 0.35 -11.77
C ARG A 282 -2.75 -1.03 -12.39
N THR A 283 -3.73 -1.87 -12.06
CA THR A 283 -3.86 -3.16 -12.71
C THR A 283 -4.02 -2.91 -14.21
N VAL A 284 -3.63 -3.87 -15.02
CA VAL A 284 -3.81 -3.75 -16.46
C VAL A 284 -5.28 -3.91 -16.77
N SER A 285 -5.90 -4.91 -16.16
CA SER A 285 -7.33 -5.11 -16.29
C SER A 285 -8.10 -3.98 -15.61
N THR A 286 -9.24 -3.62 -16.19
CA THR A 286 -10.08 -2.59 -15.59
C THR A 286 -11.11 -3.22 -14.67
N SER A 287 -11.16 -4.55 -14.64
CA SER A 287 -12.16 -5.24 -13.83
C SER A 287 -11.54 -6.15 -12.78
N GLY A 288 -10.38 -6.72 -13.08
CA GLY A 288 -9.75 -7.67 -12.19
C GLY A 288 -8.37 -7.26 -11.70
N ARG A 289 -7.88 -8.00 -10.72
CA ARG A 289 -6.54 -7.76 -10.18
C ARG A 289 -5.51 -8.58 -10.94
N SER A 290 -5.41 -8.28 -12.24
CA SER A 290 -4.43 -8.93 -13.10
C SER A 290 -3.59 -7.87 -13.80
N GLY A 291 -2.31 -8.17 -13.95
CA GLY A 291 -1.37 -7.27 -14.58
C GLY A 291 -1.03 -6.04 -13.74
N PHE A 292 0.08 -5.41 -14.07
CA PHE A 292 0.42 -4.14 -13.46
C PHE A 292 1.18 -3.23 -14.40
N GLU A 293 0.75 -1.97 -14.44
CA GLU A 293 1.40 -0.97 -15.27
C GLU A 293 1.47 0.32 -14.47
N ILE A 294 2.40 1.19 -14.85
CA ILE A 294 2.40 2.55 -14.31
C ILE A 294 2.39 3.58 -15.44
N ILE A 295 1.50 4.54 -15.35
CA ILE A 295 1.36 5.55 -16.39
C ILE A 295 1.77 6.90 -15.85
N LYS A 296 2.32 7.73 -16.72
CA LYS A 296 2.51 9.13 -16.39
C LYS A 296 1.49 9.92 -17.18
N VAL A 297 0.73 10.76 -16.48
CA VAL A 297 -0.29 11.56 -17.13
C VAL A 297 0.12 13.03 -17.10
N THR A 298 0.34 13.60 -18.29
CA THR A 298 0.73 14.99 -18.38
C THR A 298 -0.38 15.87 -17.81
N GLU A 299 -0.01 16.77 -16.90
CA GLU A 299 -0.95 17.64 -16.21
C GLU A 299 -2.06 16.87 -15.47
N GLY A 300 -1.80 15.61 -15.17
CA GLY A 300 -2.77 14.76 -14.51
C GLY A 300 -3.11 15.14 -13.07
N TRP A 301 -2.28 16.00 -12.47
CA TRP A 301 -2.56 16.41 -11.10
C TRP A 301 -3.54 17.59 -11.03
N ILE A 302 -3.71 18.27 -12.15
CA ILE A 302 -4.48 19.51 -12.15
C ILE A 302 -5.68 19.47 -13.09
N ASN A 303 -6.55 20.46 -12.93
CA ASN A 303 -7.68 20.64 -13.83
C ASN A 303 -7.17 21.16 -15.17
N SER A 304 -7.33 20.34 -16.20
CA SER A 304 -6.74 20.65 -17.50
C SER A 304 -7.39 19.83 -18.60
N PRO A 305 -7.43 20.39 -19.82
CA PRO A 305 -7.94 19.67 -21.00
C PRO A 305 -6.82 18.88 -21.65
N ASN A 306 -5.62 18.96 -21.09
CA ASN A 306 -4.41 18.43 -21.73
C ASN A 306 -3.91 17.08 -21.22
N HIS A 307 -4.75 16.32 -20.52
CA HIS A 307 -4.34 15.03 -19.97
C HIS A 307 -4.01 14.03 -21.07
N VAL A 308 -2.77 13.55 -21.06
CA VAL A 308 -2.34 12.52 -21.99
C VAL A 308 -1.39 11.55 -21.28
N LYS A 309 -1.51 10.27 -21.58
CA LYS A 309 -0.61 9.26 -21.03
C LYS A 309 0.70 9.29 -21.80
N SER A 310 1.65 10.08 -21.33
CA SER A 310 2.92 10.27 -22.02
C SER A 310 3.81 9.04 -21.88
N ILE A 311 3.64 8.31 -20.79
CA ILE A 311 4.45 7.13 -20.52
C ILE A 311 3.55 6.00 -20.01
N THR A 312 3.82 4.78 -20.47
CA THR A 312 3.18 3.59 -19.92
C THR A 312 4.18 2.46 -19.81
N GLN A 313 4.53 2.08 -18.57
CA GLN A 313 5.36 0.91 -18.34
C GLN A 313 4.51 -0.27 -17.92
N THR A 314 4.58 -1.35 -18.69
CA THR A 314 3.85 -2.57 -18.34
C THR A 314 4.82 -3.52 -17.63
N LEU A 315 4.64 -3.67 -16.33
CA LEU A 315 5.62 -4.38 -15.49
C LEU A 315 5.20 -5.81 -15.19
N VAL A 316 3.89 -6.05 -15.13
CA VAL A 316 3.35 -7.39 -14.99
C VAL A 316 2.24 -7.55 -16.03
N SER A 317 2.35 -8.56 -16.89
CA SER A 317 1.39 -8.71 -17.99
C SER A 317 0.00 -9.03 -17.47
N ASN A 318 -1.01 -8.72 -18.28
CA ASN A 318 -2.39 -8.95 -17.89
C ASN A 318 -2.70 -10.44 -17.77
N ASN A 319 -1.77 -11.27 -18.21
CA ASN A 319 -1.93 -12.71 -18.05
C ASN A 319 -1.44 -13.22 -16.70
N ASP A 320 -0.87 -12.31 -15.91
CA ASP A 320 -0.35 -12.65 -14.59
C ASP A 320 -1.14 -11.93 -13.51
N TRP A 321 -1.22 -12.54 -12.32
CA TRP A 321 -1.99 -11.95 -11.23
C TRP A 321 -1.21 -10.85 -10.53
N SER A 322 -1.90 -9.77 -10.15
CA SER A 322 -1.30 -8.74 -9.32
C SER A 322 -2.02 -8.68 -7.96
N GLY A 323 -2.36 -7.48 -7.52
CA GLY A 323 -2.96 -7.30 -6.20
C GLY A 323 -2.74 -5.88 -5.69
N TYR A 324 -2.59 -5.75 -4.38
CA TYR A 324 -2.33 -4.45 -3.77
C TYR A 324 -1.00 -3.87 -4.24
N SER A 325 -0.89 -2.56 -4.24
CA SER A 325 0.39 -1.91 -4.50
C SER A 325 0.51 -0.66 -3.63
N GLY A 326 1.73 -0.26 -3.33
CA GLY A 326 1.93 0.84 -2.41
C GLY A 326 3.26 1.52 -2.58
N SER A 327 3.31 2.79 -2.16
CA SER A 327 4.52 3.58 -2.30
C SER A 327 5.42 3.40 -1.09
N PHE A 328 6.72 3.56 -1.31
CA PHE A 328 7.67 3.76 -0.21
C PHE A 328 8.80 4.66 -0.71
N ILE A 329 9.53 5.26 0.22
CA ILE A 329 10.60 6.18 -0.18
C ILE A 329 11.94 5.69 0.34
N VAL A 330 13.00 6.13 -0.32
CA VAL A 330 14.37 5.85 0.13
C VAL A 330 15.15 7.15 0.11
N LYS A 331 15.78 7.49 1.23
CA LYS A 331 16.49 8.76 1.31
C LYS A 331 17.67 8.75 0.34
N ALA A 332 17.75 9.79 -0.48
CA ALA A 332 18.79 9.89 -1.49
C ALA A 332 19.54 11.21 -1.42
N LYS A 333 20.29 11.42 -0.34
CA LYS A 333 21.02 12.65 -0.12
C LYS A 333 19.82 13.56 0.16
N ASP A 334 19.70 14.62 -0.63
CA ASP A 334 18.85 15.77 -0.34
C ASP A 334 17.43 15.62 -0.91
N CYS A 335 17.09 14.43 -1.37
CA CYS A 335 15.74 14.16 -1.83
C CYS A 335 15.30 12.73 -1.51
N PHE A 336 14.00 12.48 -1.59
CA PHE A 336 13.46 11.14 -1.40
C PHE A 336 13.18 10.48 -2.73
N GLN A 337 13.72 9.28 -2.91
CA GLN A 337 13.46 8.52 -4.11
C GLN A 337 12.11 7.80 -4.01
N PRO A 338 11.25 7.98 -5.02
CA PRO A 338 9.97 7.26 -5.05
C PRO A 338 10.16 5.82 -5.53
N CYS A 339 9.66 4.87 -4.74
CA CYS A 339 9.65 3.46 -5.10
C CYS A 339 8.28 2.89 -4.84
N PHE A 340 8.02 1.71 -5.36
CA PHE A 340 6.79 1.00 -5.01
C PHE A 340 6.94 -0.52 -5.01
N TYR A 341 6.00 -1.19 -4.36
CA TYR A 341 5.96 -2.64 -4.39
C TYR A 341 4.65 -3.05 -5.06
N VAL A 342 4.63 -4.26 -5.60
CA VAL A 342 3.40 -4.84 -6.09
C VAL A 342 3.20 -6.21 -5.46
N GLU A 343 2.05 -6.40 -4.83
CA GLU A 343 1.67 -7.69 -4.29
C GLU A 343 1.15 -8.57 -5.42
N LEU A 344 1.72 -9.76 -5.54
CA LEU A 344 1.32 -10.69 -6.59
C LEU A 344 0.58 -11.84 -5.93
N ILE A 345 -0.75 -11.76 -5.92
CA ILE A 345 -1.56 -12.72 -5.19
C ILE A 345 -1.71 -14.02 -5.96
N ARG A 346 -1.49 -15.14 -5.28
CA ARG A 346 -1.75 -16.45 -5.86
C ARG A 346 -2.68 -17.25 -4.94
N GLY A 347 -3.51 -18.10 -5.54
CA GLY A 347 -4.45 -18.90 -4.76
C GLY A 347 -5.85 -18.32 -4.85
N ARG A 348 -6.72 -18.75 -3.93
CA ARG A 348 -8.10 -18.29 -3.91
C ARG A 348 -8.18 -16.77 -3.78
N PRO A 349 -9.12 -16.12 -4.50
CA PRO A 349 -10.12 -16.77 -5.36
C PRO A 349 -9.75 -16.67 -6.83
N ASN A 350 -8.45 -16.59 -7.13
CA ASN A 350 -8.01 -16.44 -8.51
C ASN A 350 -8.41 -17.63 -9.39
N LYS A 351 -9.10 -17.33 -10.48
CA LYS A 351 -9.54 -18.33 -11.42
C LYS A 351 -8.38 -19.21 -11.87
N ASN A 352 -8.54 -20.52 -11.72
CA ASN A 352 -7.55 -21.50 -12.19
C ASN A 352 -6.35 -21.72 -11.27
N ASP A 353 -6.23 -20.90 -10.22
CA ASP A 353 -5.30 -21.20 -9.14
C ASP A 353 -5.96 -22.23 -8.23
N ASP A 354 -5.82 -23.51 -8.60
CA ASP A 354 -6.52 -24.58 -7.92
C ASP A 354 -5.79 -25.05 -6.67
N VAL A 355 -5.77 -24.20 -5.65
CA VAL A 355 -5.21 -24.56 -4.35
C VAL A 355 -6.16 -24.04 -3.29
N SER A 356 -5.99 -24.49 -2.06
CA SER A 356 -6.91 -24.14 -0.98
C SER A 356 -6.46 -22.90 -0.21
N TRP A 357 -5.23 -22.48 -0.44
CA TRP A 357 -4.66 -21.33 0.28
C TRP A 357 -4.72 -20.05 -0.50
N THR A 358 -4.36 -18.94 0.16
CA THR A 358 -4.20 -17.64 -0.46
C THR A 358 -2.92 -17.01 0.06
N SER A 359 -2.03 -16.61 -0.84
CA SER A 359 -0.80 -15.95 -0.42
C SER A 359 -0.30 -15.02 -1.53
N ASN A 360 0.96 -14.63 -1.47
CA ASN A 360 1.48 -13.66 -2.42
C ASN A 360 2.98 -13.69 -2.50
N SER A 361 3.52 -13.17 -3.60
CA SER A 361 4.93 -12.82 -3.65
C SER A 361 5.00 -11.30 -3.80
N ILE A 362 6.22 -10.78 -3.89
CA ILE A 362 6.42 -9.34 -3.96
C ILE A 362 7.39 -8.99 -5.10
N VAL A 363 7.12 -7.87 -5.76
CA VAL A 363 8.11 -7.29 -6.67
C VAL A 363 8.14 -5.79 -6.42
N THR A 364 9.30 -5.18 -6.64
CA THR A 364 9.47 -3.77 -6.32
C THR A 364 10.20 -3.03 -7.43
N PHE A 365 9.92 -1.73 -7.55
CA PHE A 365 10.56 -0.88 -8.54
C PHE A 365 10.89 0.46 -7.92
N CYS A 366 11.96 1.11 -8.39
CA CYS A 366 12.27 2.46 -7.92
C CYS A 366 12.42 3.43 -9.08
N GLY A 367 12.17 4.71 -8.78
CA GLY A 367 12.24 5.75 -9.79
C GLY A 367 13.63 6.32 -9.96
N LEU A 368 14.05 6.47 -11.22
CA LEU A 368 15.30 7.14 -11.55
C LEU A 368 15.04 8.17 -12.65
N ASP A 369 15.93 9.15 -12.77
CA ASP A 369 15.80 10.16 -13.81
C ASP A 369 16.49 9.67 -15.10
N ASN A 370 16.30 8.39 -15.41
CA ASN A 370 16.82 7.79 -16.63
C ASN A 370 15.70 7.10 -17.38
N GLU A 371 15.94 6.81 -18.66
CA GLU A 371 14.96 6.10 -19.47
C GLU A 371 15.01 4.62 -19.15
N PRO A 372 13.84 3.99 -18.93
CA PRO A 372 13.81 2.56 -18.60
C PRO A 372 13.86 1.69 -19.84
N GLY A 373 14.16 0.41 -19.65
CA GLY A 373 13.96 -0.59 -20.68
C GLY A 373 12.59 -1.20 -20.47
N SER A 374 12.43 -2.47 -20.82
CA SER A 374 11.16 -3.13 -20.60
C SER A 374 11.35 -4.59 -20.27
N GLY A 375 10.37 -5.15 -19.57
CA GLY A 375 10.42 -6.53 -19.14
C GLY A 375 9.09 -6.92 -18.51
N ASN A 376 9.08 -8.09 -17.89
CA ASN A 376 7.88 -8.62 -17.28
C ASN A 376 8.30 -9.40 -16.05
N TRP A 377 7.79 -9.02 -14.88
CA TRP A 377 8.23 -9.64 -13.62
C TRP A 377 7.05 -10.07 -12.77
N PRO A 378 6.35 -11.14 -13.20
CA PRO A 378 5.17 -11.66 -12.52
C PRO A 378 5.54 -12.65 -11.44
N ASP A 379 4.57 -13.19 -10.72
CA ASP A 379 4.85 -14.14 -9.65
C ASP A 379 5.70 -15.31 -10.13
N GLY A 380 5.31 -15.89 -11.26
CA GLY A 380 6.13 -16.91 -11.91
C GLY A 380 5.92 -18.33 -11.44
N SER A 381 5.00 -18.54 -10.50
CA SER A 381 4.71 -19.88 -10.01
C SER A 381 3.84 -20.65 -10.99
N ASN A 382 4.17 -21.93 -11.19
CA ASN A 382 3.27 -22.85 -11.85
C ASN A 382 2.36 -23.44 -10.78
N ILE A 383 1.12 -22.98 -10.73
CA ILE A 383 0.25 -23.35 -9.62
C ILE A 383 0.05 -24.87 -9.55
N GLY A 384 0.24 -25.52 -10.69
CA GLY A 384 0.11 -26.96 -10.76
C GLY A 384 1.20 -27.70 -10.02
N PHE A 385 2.33 -27.04 -9.81
CA PHE A 385 3.45 -27.65 -9.08
C PHE A 385 3.28 -27.56 -7.57
N MET A 386 2.35 -26.72 -7.12
CA MET A 386 2.26 -26.36 -5.71
C MET A 386 1.43 -27.35 -4.88
N PRO A 387 1.83 -27.53 -3.62
CA PRO A 387 0.98 -28.25 -2.68
C PRO A 387 -0.31 -27.45 -2.52
N LYS A 388 -1.46 -28.14 -2.49
CA LYS A 388 -2.74 -27.45 -2.48
C LYS A 388 -3.23 -27.10 -1.08
C1 NAG B . -9.58 -27.41 2.47
C2 NAG B . -9.46 -28.72 1.70
C3 NAG B . -10.82 -29.20 1.19
C4 NAG B . -11.82 -29.22 2.34
C5 NAG B . -11.83 -27.89 3.07
C6 NAG B . -12.73 -27.96 4.29
C7 NAG B . -7.46 -29.22 0.44
C8 NAG B . -6.63 -28.92 -0.79
N2 NAG B . -8.57 -28.52 0.56
O3 NAG B . -10.69 -30.48 0.62
O4 NAG B . -13.11 -29.50 1.83
O5 NAG B . -10.53 -27.54 3.51
O6 NAG B . -12.17 -28.88 5.19
O7 NAG B . -7.08 -30.04 1.26
C1 NAG B . -13.57 -30.77 2.34
C2 NAG B . -15.10 -30.82 2.23
C3 NAG B . -15.66 -32.19 2.60
C4 NAG B . -14.88 -33.27 1.88
C5 NAG B . -13.40 -33.11 2.21
C6 NAG B . -12.55 -34.25 1.66
C7 NAG B . -16.13 -28.67 2.59
C8 NAG B . -16.72 -27.70 3.57
N2 NAG B . -15.69 -29.81 3.09
O3 NAG B . -17.02 -32.25 2.22
O4 NAG B . -15.35 -34.55 2.28
O5 NAG B . -12.96 -31.87 1.71
O6 NAG B . -12.61 -34.25 0.25
O7 NAG B . -16.07 -28.39 1.39
C1 FUC B . -13.19 -29.39 6.07
C2 FUC B . -12.65 -30.63 6.76
C3 FUC B . -11.40 -30.29 7.57
C4 FUC B . -11.65 -29.07 8.45
C5 FUC B . -12.36 -27.94 7.70
C6 FUC B . -12.74 -26.79 8.61
O2 FUC B . -12.31 -31.59 5.79
O3 FUC B . -11.05 -31.39 8.37
O4 FUC B . -12.41 -29.45 9.58
O5 FUC B . -13.52 -28.44 7.06
C1 NAG C . 6.29 20.94 12.84
C2 NAG C . 6.51 21.26 14.32
C3 NAG C . 7.07 22.68 14.53
C4 NAG C . 8.25 22.98 13.60
C5 NAG C . 7.92 22.55 12.17
C6 NAG C . 9.14 22.69 11.26
C7 NAG C . 5.04 20.11 15.90
C8 NAG C . 3.69 20.09 16.56
N2 NAG C . 5.26 21.10 15.04
O3 NAG C . 7.46 22.84 15.88
O4 NAG C . 8.52 24.37 13.59
O5 NAG C . 7.48 21.21 12.12
O6 NAG C . 8.81 22.25 9.97
O7 NAG C . 5.87 19.24 16.16
C1 NAG C . 9.60 24.74 14.48
C2 NAG C . 10.33 25.92 13.85
C3 NAG C . 11.40 26.53 14.77
C4 NAG C . 10.88 26.71 16.18
C5 NAG C . 10.20 25.44 16.67
C6 NAG C . 9.61 25.65 18.06
C7 NAG C . 10.53 26.02 11.43
C8 NAG C . 11.24 25.52 10.20
N2 NAG C . 10.93 25.52 12.59
O3 NAG C . 11.80 27.78 14.27
O4 NAG C . 11.95 27.06 17.03
O5 NAG C . 9.16 25.06 15.79
O6 NAG C . 8.61 26.65 18.01
O7 NAG C . 9.63 26.86 11.34
C1 FUC C . 8.34 23.36 9.18
C2 FUC C . 8.51 23.02 7.70
C3 FUC C . 7.64 21.82 7.35
C4 FUC C . 6.19 22.15 7.72
C5 FUC C . 6.10 22.58 9.17
C6 FUC C . 4.68 23.00 9.54
O2 FUC C . 9.86 22.73 7.42
O3 FUC C . 7.73 21.53 5.97
O4 FUC C . 5.72 23.16 6.87
O5 FUC C . 6.99 23.66 9.43
CA CA D . -13.34 2.36 -6.06
CA CA E . 12.87 -28.36 5.98
C1 GOL F . -7.34 -6.52 6.57
O1 GOL F . -7.15 -7.86 7.00
C2 GOL F . -8.74 -6.06 6.99
O2 GOL F . -9.64 -7.12 6.82
C3 GOL F . -9.20 -4.88 6.14
O3 GOL F . -8.44 -3.75 6.46
C1 GOL G . 18.47 2.55 3.67
O1 GOL G . 17.45 3.52 3.63
C2 GOL G . 19.24 2.58 2.37
O2 GOL G . 20.60 2.81 2.66
C3 GOL G . 19.09 1.25 1.64
O3 GOL G . 19.58 0.21 2.46
C1 GOL H . 13.35 6.76 4.40
O1 GOL H . 12.10 6.29 4.84
C2 GOL H . 14.43 6.07 5.24
O2 GOL H . 15.36 7.03 5.70
C3 GOL H . 15.13 5.10 4.32
O3 GOL H . 15.94 5.82 3.42
C1 GOL I . 8.44 -4.47 16.73
O1 GOL I . 7.96 -5.33 17.72
C2 GOL I . 9.95 -4.39 16.75
O2 GOL I . 10.49 -5.54 16.14
C3 GOL I . 10.49 -3.11 16.08
O3 GOL I . 10.27 -3.07 14.67
#